data_7PFY
#
_entry.id   7PFY
#
_cell.length_a   47.268
_cell.length_b   60.916
_cell.length_c   83.020
_cell.angle_alpha   90.000
_cell.angle_beta   90.000
_cell.angle_gamma   90.000
#
_symmetry.space_group_name_H-M   'P 21 21 21'
#
loop_
_entity.id
_entity.type
_entity.pdbx_description
1 polymer 'Serine protease subunit NS2B'
2 polymer 'Serine protease NS3'
3 polymer 'Inhibitor MI-2241'
4 water water
#
loop_
_entity_poly.entity_id
_entity_poly.type
_entity_poly.pdbx_seq_one_letter_code
_entity_poly.pdbx_strand_id
1 'polypeptide(L)' MTGKSVDMYIERAGDITWEKDAEVTGNSPRLDVALDESGDFSLVEEDGPPMRE A
2 'polypeptide(L)'
;GSGALWDVPAPKEVKKGETTDGVYRVMTRRLLGSTQVGVGVMQEGVFHTMWHVTKGAALRSGEGRLDPYWGDVKQDLVSY
CGPWKLDAAWDGLSEVQLLAVPPGERAKNIQTLPGIFKTKDGDIGAVALDYPAGTSGSPILDKCGRVIGLYGNGVVIKNG
SYVSAITQGKREEETPVE
;
B
3 'polypeptide(L)' (V7T)G(BAL)VKK D
#
# COMPACT_ATOMS: atom_id res chain seq x y z
N VAL A 6 6.66 13.14 -17.82
CA VAL A 6 5.95 12.10 -17.09
C VAL A 6 4.78 12.68 -16.30
N ASP A 7 3.56 12.53 -16.84
CA ASP A 7 2.35 12.97 -16.15
C ASP A 7 1.95 11.86 -15.18
N MET A 8 2.17 12.06 -13.89
CA MET A 8 1.68 11.15 -12.87
C MET A 8 0.40 11.71 -12.29
N TYR A 9 -0.64 10.88 -12.24
CA TYR A 9 -1.97 11.36 -11.88
C TYR A 9 -2.74 10.27 -11.15
N ILE A 10 -3.79 10.69 -10.45
CA ILE A 10 -4.58 9.76 -9.65
C ILE A 10 -5.98 9.69 -10.20
N GLU A 11 -6.62 8.55 -9.99
CA GLU A 11 -8.01 8.40 -10.39
C GLU A 11 -8.72 7.51 -9.40
N ARG A 12 -9.91 7.93 -9.00
CA ARG A 12 -10.61 7.21 -7.93
C ARG A 12 -10.99 5.82 -8.42
N ALA A 13 -10.86 4.85 -7.54
CA ALA A 13 -11.10 3.46 -7.88
C ALA A 13 -12.13 2.77 -7.00
N GLY A 14 -12.57 3.39 -5.93
CA GLY A 14 -13.59 2.76 -5.12
C GLY A 14 -13.67 3.33 -3.72
N ASP A 15 -14.65 2.79 -2.99
CA ASP A 15 -14.85 3.09 -1.59
C ASP A 15 -14.06 2.11 -0.73
N ILE A 16 -13.66 2.57 0.43
CA ILE A 16 -12.87 1.75 1.35
C ILE A 16 -13.82 1.11 2.36
N THR A 17 -14.10 -0.18 2.14
CA THR A 17 -15.02 -0.88 3.02
C THR A 17 -14.56 -2.33 3.13
N TRP A 18 -14.89 -2.94 4.26
CA TRP A 18 -14.72 -4.36 4.47
C TRP A 18 -15.84 -5.14 3.81
N GLU A 19 -15.49 -6.24 3.15
CA GLU A 19 -16.48 -7.08 2.47
C GLU A 19 -16.87 -8.26 3.36
N LYS A 20 -18.16 -8.37 3.64
CA LYS A 20 -18.66 -9.53 4.38
C LYS A 20 -18.52 -10.78 3.52
N ASP A 21 -18.22 -11.90 4.20
CA ASP A 21 -18.06 -13.19 3.53
C ASP A 21 -17.08 -13.10 2.37
N ALA A 22 -15.91 -12.54 2.63
CA ALA A 22 -14.88 -12.40 1.61
C ALA A 22 -14.12 -13.70 1.44
N GLU A 23 -13.47 -13.85 0.28
CA GLU A 23 -12.62 -15.00 0.05
C GLU A 23 -11.37 -14.88 0.91
N VAL A 24 -10.95 -16.01 1.48
CA VAL A 24 -9.82 -16.08 2.41
C VAL A 24 -8.72 -16.91 1.77
N THR A 25 -7.51 -16.35 1.76
CA THR A 25 -6.38 -17.09 1.21
C THR A 25 -5.09 -16.61 1.86
N GLY A 26 -4.04 -17.38 1.62
CA GLY A 26 -2.73 -17.02 2.13
C GLY A 26 -2.45 -17.67 3.46
N ASN A 27 -1.18 -17.98 3.69
CA ASN A 27 -0.74 -18.55 4.94
C ASN A 27 -0.36 -17.41 5.88
N SER A 28 0.28 -17.74 7.02
CA SER A 28 0.63 -16.76 8.05
C SER A 28 2.09 -16.98 8.41
N PRO A 29 3.00 -16.59 7.53
CA PRO A 29 4.41 -16.95 7.75
C PRO A 29 5.01 -16.15 8.87
N ARG A 30 5.91 -16.77 9.60
CA ARG A 30 6.67 -16.10 10.65
C ARG A 30 8.13 -16.08 10.20
N LEU A 31 8.58 -14.90 9.83
CA LEU A 31 9.83 -14.72 9.13
C LEU A 31 10.74 -13.79 9.93
N ASP A 32 12.02 -14.16 10.00
CA ASP A 32 13.03 -13.27 10.55
C ASP A 32 13.57 -12.40 9.43
N VAL A 33 13.43 -11.09 9.57
CA VAL A 33 13.78 -10.17 8.50
C VAL A 33 14.52 -8.96 9.06
N ALA A 34 15.28 -8.32 8.19
CA ALA A 34 15.95 -7.08 8.50
C ALA A 34 15.47 -6.03 7.50
N LEU A 35 15.48 -4.78 7.94
CA LEU A 35 15.05 -3.64 7.16
C LEU A 35 16.23 -2.69 7.03
N ASP A 36 16.66 -2.42 5.80
CA ASP A 36 17.81 -1.54 5.60
C ASP A 36 17.36 -0.08 5.45
N GLU A 37 18.34 0.82 5.39
CA GLU A 37 18.02 2.24 5.42
C GLU A 37 17.32 2.73 4.16
N SER A 38 17.37 1.97 3.09
N SER A 38 17.37 1.97 3.08
CA SER A 38 16.67 2.32 1.86
CA SER A 38 16.66 2.33 1.86
C SER A 38 15.26 1.75 1.82
C SER A 38 15.26 1.74 1.82
N GLY A 39 14.81 1.09 2.89
CA GLY A 39 13.47 0.55 2.94
C GLY A 39 13.30 -0.83 2.38
N ASP A 40 14.38 -1.59 2.19
CA ASP A 40 14.29 -2.94 1.70
C ASP A 40 14.33 -3.94 2.85
N PHE A 41 13.31 -4.79 2.90
CA PHE A 41 13.32 -5.95 3.78
C PHE A 41 14.08 -7.09 3.12
N SER A 42 14.75 -7.89 3.96
CA SER A 42 15.47 -9.07 3.49
C SER A 42 15.37 -10.14 4.55
N LEU A 43 15.48 -11.39 4.10
CA LEU A 43 15.49 -12.51 5.03
C LEU A 43 16.79 -12.57 5.80
N VAL A 44 16.70 -12.81 7.10
CA VAL A 44 17.89 -13.10 7.90
C VAL A 44 18.26 -14.56 7.67
N GLU A 45 19.46 -14.80 7.16
CA GLU A 45 19.92 -16.14 6.83
C GLU A 45 20.00 -17.01 8.08
N THR B 19 -11.74 13.87 -5.75
N THR B 19 -11.63 13.80 -5.76
CA THR B 19 -10.71 14.09 -4.73
CA THR B 19 -10.66 14.08 -4.69
C THR B 19 -11.27 13.79 -3.34
C THR B 19 -11.27 13.78 -3.30
N THR B 20 -12.40 13.11 -3.29
CA THR B 20 -13.02 12.75 -2.04
C THR B 20 -12.29 11.55 -1.41
N ASP B 21 -12.70 11.22 -0.19
CA ASP B 21 -12.23 10.01 0.44
C ASP B 21 -12.42 8.82 -0.49
N GLY B 22 -11.46 7.90 -0.48
CA GLY B 22 -11.59 6.65 -1.18
C GLY B 22 -10.22 6.10 -1.54
N VAL B 23 -10.23 5.03 -2.33
CA VAL B 23 -9.00 4.42 -2.83
C VAL B 23 -8.84 4.84 -4.28
N TYR B 24 -7.59 5.08 -4.69
CA TYR B 24 -7.28 5.65 -5.99
C TYR B 24 -6.14 4.87 -6.65
N ARG B 25 -6.18 4.81 -7.98
CA ARG B 25 -5.03 4.34 -8.76
C ARG B 25 -4.06 5.49 -8.94
N VAL B 26 -2.76 5.17 -8.93
CA VAL B 26 -1.69 6.11 -9.28
C VAL B 26 -1.19 5.68 -10.65
N MET B 27 -1.33 6.57 -11.63
CA MET B 27 -1.08 6.29 -13.04
C MET B 27 0.03 7.18 -13.57
N THR B 28 0.71 6.69 -14.61
CA THR B 28 1.65 7.51 -15.37
C THR B 28 1.31 7.41 -16.86
N ARG B 29 1.54 8.50 -17.58
CA ARG B 29 1.39 8.48 -19.03
C ARG B 29 2.44 9.41 -19.62
N ARG B 30 2.94 9.03 -20.79
CA ARG B 30 3.82 9.88 -21.59
C ARG B 30 3.05 10.36 -22.81
N LEU B 31 3.40 9.85 -23.99
CA LEU B 31 2.74 10.25 -25.24
C LEU B 31 1.67 9.28 -25.71
N LEU B 32 1.66 8.04 -25.19
CA LEU B 32 0.75 6.99 -25.64
C LEU B 32 -0.16 6.62 -24.45
N GLY B 33 -0.30 5.36 -24.10
CA GLY B 33 -1.23 4.96 -23.07
C GLY B 33 -0.70 5.20 -21.65
N SER B 34 -1.49 4.76 -20.69
N SER B 34 -1.49 4.77 -20.68
CA SER B 34 -1.16 4.91 -19.29
CA SER B 34 -1.16 4.96 -19.28
C SER B 34 -0.63 3.60 -18.72
C SER B 34 -0.82 3.63 -18.60
N THR B 35 0.01 3.70 -17.56
CA THR B 35 0.45 2.55 -16.80
C THR B 35 0.10 2.82 -15.34
N GLN B 36 -0.44 1.81 -14.65
CA GLN B 36 -0.71 1.93 -13.23
C GLN B 36 0.56 1.56 -12.46
N VAL B 37 1.09 2.51 -11.70
CA VAL B 37 2.29 2.26 -10.91
C VAL B 37 1.99 2.07 -9.43
N GLY B 38 0.78 2.38 -8.98
CA GLY B 38 0.43 2.12 -7.61
C GLY B 38 -1.00 2.48 -7.31
N VAL B 39 -1.27 2.61 -6.02
CA VAL B 39 -2.58 2.80 -5.44
C VAL B 39 -2.35 3.67 -4.20
N GLY B 40 -3.37 4.40 -3.78
CA GLY B 40 -3.28 5.10 -2.52
C GLY B 40 -4.64 5.40 -1.92
N VAL B 41 -4.59 6.00 -0.73
CA VAL B 41 -5.79 6.26 0.07
C VAL B 41 -5.93 7.76 0.29
N MET B 42 -7.09 8.30 -0.04
CA MET B 42 -7.43 9.67 0.31
C MET B 42 -8.23 9.60 1.60
N GLN B 43 -7.73 10.27 2.64
CA GLN B 43 -8.44 10.35 3.90
C GLN B 43 -8.11 11.69 4.55
N GLU B 44 -9.15 12.37 5.03
CA GLU B 44 -8.99 13.65 5.71
C GLU B 44 -8.16 14.63 4.88
N GLY B 45 -8.42 14.65 3.58
CA GLY B 45 -7.80 15.59 2.67
C GLY B 45 -6.36 15.29 2.34
N VAL B 46 -5.83 14.13 2.71
CA VAL B 46 -4.45 13.77 2.49
C VAL B 46 -4.42 12.51 1.65
N PHE B 47 -3.52 12.48 0.67
CA PHE B 47 -3.30 11.29 -0.15
C PHE B 47 -2.11 10.52 0.37
N HIS B 48 -2.31 9.23 0.60
CA HIS B 48 -1.33 8.35 1.21
C HIS B 48 -0.95 7.25 0.23
N THR B 49 0.35 7.07 -0.04
CA THR B 49 0.79 5.95 -0.86
C THR B 49 2.19 5.53 -0.39
N MET B 50 2.83 4.67 -1.16
N MET B 50 2.81 4.65 -1.17
CA MET B 50 4.17 4.21 -0.81
CA MET B 50 4.18 4.19 -0.91
C MET B 50 5.21 5.03 -1.56
C MET B 50 5.17 5.16 -1.53
N TRP B 51 6.32 5.33 -0.87
CA TRP B 51 7.36 6.15 -1.46
C TRP B 51 7.82 5.60 -2.81
N HIS B 52 7.96 4.27 -2.92
CA HIS B 52 8.47 3.71 -4.16
C HIS B 52 7.52 3.88 -5.33
N VAL B 53 6.25 4.17 -5.06
CA VAL B 53 5.28 4.40 -6.13
C VAL B 53 5.55 5.74 -6.83
N THR B 54 5.72 6.82 -6.08
CA THR B 54 5.88 8.13 -6.70
C THR B 54 7.28 8.72 -6.60
N LYS B 55 8.09 8.26 -5.67
CA LYS B 55 9.40 8.85 -5.38
C LYS B 55 9.29 10.34 -5.08
N GLY B 56 8.13 10.78 -4.61
CA GLY B 56 7.91 12.19 -4.30
C GLY B 56 7.49 13.06 -5.46
N ALA B 57 7.20 12.50 -6.62
CA ALA B 57 6.74 13.31 -7.74
C ALA B 57 5.36 13.89 -7.45
N ALA B 58 5.11 15.07 -8.02
CA ALA B 58 3.80 15.69 -7.90
C ALA B 58 2.76 14.84 -8.60
N LEU B 59 1.52 14.92 -8.10
CA LEU B 59 0.41 14.17 -8.65
C LEU B 59 -0.66 15.10 -9.19
N ARG B 60 -1.12 14.84 -10.41
CA ARG B 60 -2.29 15.53 -10.94
C ARG B 60 -3.57 14.86 -10.41
N SER B 61 -4.52 15.66 -9.97
N SER B 61 -4.55 15.70 -10.11
CA SER B 61 -5.82 15.12 -9.56
CA SER B 61 -5.82 15.28 -9.54
C SER B 61 -6.86 15.96 -10.29
C SER B 61 -6.91 16.28 -9.94
N GLY B 62 -7.41 15.40 -11.36
N GLY B 62 -8.13 16.05 -9.46
CA GLY B 62 -8.25 16.18 -12.26
CA GLY B 62 -9.24 16.94 -9.76
C GLY B 62 -7.46 17.37 -12.74
C GLY B 62 -9.20 18.26 -9.01
N GLU B 63 -7.87 18.57 -12.30
N GLU B 63 -8.55 18.31 -7.87
CA GLU B 63 -7.23 19.79 -12.75
CA GLU B 63 -8.26 19.55 -7.17
C GLU B 63 -6.10 20.27 -11.84
C GLU B 63 -6.93 20.14 -7.61
N GLY B 64 -6.03 19.80 -10.60
N GLY B 64 -6.43 19.72 -8.77
CA GLY B 64 -5.11 20.33 -9.61
CA GLY B 64 -5.19 20.24 -9.31
C GLY B 64 -3.81 19.56 -9.51
C GLY B 64 -3.97 19.43 -8.97
N ARG B 65 -2.87 20.13 -8.75
CA ARG B 65 -1.57 19.52 -8.46
C ARG B 65 -1.44 19.24 -6.97
N LEU B 66 -1.13 17.99 -6.63
CA LEU B 66 -0.86 17.59 -5.26
C LEU B 66 0.66 17.46 -5.09
N ASP B 67 1.21 18.17 -4.15
CA ASP B 67 2.64 18.12 -3.87
C ASP B 67 2.93 17.26 -2.65
N PRO B 68 4.04 16.53 -2.63
CA PRO B 68 4.34 15.70 -1.46
C PRO B 68 4.62 16.57 -0.26
N TYR B 69 4.09 16.15 0.88
CA TYR B 69 4.18 16.89 2.12
C TYR B 69 5.15 16.25 3.09
N TRP B 70 5.18 14.92 3.10
CA TRP B 70 6.04 14.18 4.01
C TRP B 70 6.35 12.84 3.36
N GLY B 71 7.52 12.30 3.68
CA GLY B 71 7.81 10.95 3.23
C GLY B 71 8.95 10.38 4.04
N ASP B 72 9.16 9.08 3.84
CA ASP B 72 10.22 8.36 4.56
C ASP B 72 10.55 7.15 3.69
N VAL B 73 11.75 7.14 3.10
CA VAL B 73 12.14 6.04 2.24
C VAL B 73 12.24 4.72 3.01
N LYS B 74 12.65 4.77 4.28
CA LYS B 74 12.85 3.54 5.03
C LYS B 74 11.52 2.90 5.39
N GLN B 75 10.54 3.70 5.80
CA GLN B 75 9.20 3.18 5.99
C GLN B 75 8.51 2.91 4.66
N ASP B 76 9.01 3.52 3.59
CA ASP B 76 8.45 3.41 2.24
C ASP B 76 7.06 4.03 2.13
N LEU B 77 6.90 5.23 2.69
CA LEU B 77 5.62 5.92 2.71
C LEU B 77 5.78 7.37 2.28
N VAL B 78 4.67 7.93 1.80
CA VAL B 78 4.62 9.33 1.37
C VAL B 78 3.19 9.83 1.56
N SER B 79 3.06 11.09 1.94
CA SER B 79 1.77 11.74 2.02
C SER B 79 1.80 13.04 1.23
N TYR B 80 0.63 13.40 0.69
CA TYR B 80 0.44 14.57 -0.13
C TYR B 80 -0.64 15.44 0.50
N CYS B 81 -0.44 16.75 0.47
CA CYS B 81 -1.38 17.77 0.92
C CYS B 81 -1.35 17.99 2.43
N GLY B 82 -0.75 17.09 3.20
CA GLY B 82 -0.72 17.22 4.63
C GLY B 82 0.00 16.05 5.24
N PRO B 83 0.08 16.02 6.57
CA PRO B 83 0.77 14.93 7.25
C PRO B 83 0.00 13.64 7.17
N TRP B 84 0.73 12.53 7.39
CA TRP B 84 0.15 11.20 7.40
C TRP B 84 -1.00 11.13 8.39
N LYS B 85 -2.15 10.62 7.92
CA LYS B 85 -3.36 10.59 8.74
C LYS B 85 -3.76 9.21 9.25
N LEU B 86 -3.25 8.14 8.68
CA LEU B 86 -3.74 6.80 8.99
C LEU B 86 -3.06 6.27 10.24
N ASP B 87 -3.85 5.96 11.26
CA ASP B 87 -3.25 5.52 12.52
C ASP B 87 -3.85 4.25 13.11
N ALA B 88 -4.79 3.60 12.43
CA ALA B 88 -5.29 2.34 12.95
C ALA B 88 -4.18 1.29 12.89
N ALA B 89 -4.17 0.41 13.87
CA ALA B 89 -3.12 -0.60 13.99
C ALA B 89 -3.72 -2.00 13.94
N TRP B 90 -3.04 -2.91 13.25
CA TRP B 90 -3.41 -4.32 13.37
C TRP B 90 -3.38 -4.75 14.84
N ASP B 91 -4.42 -5.47 15.26
CA ASP B 91 -4.52 -5.91 16.65
C ASP B 91 -3.63 -7.09 16.99
N GLY B 92 -2.86 -7.58 16.03
CA GLY B 92 -1.94 -8.68 16.27
C GLY B 92 -2.61 -10.03 16.38
N LEU B 93 -3.91 -10.11 16.12
CA LEU B 93 -4.68 -11.31 16.34
C LEU B 93 -5.66 -11.64 15.24
N SER B 94 -6.34 -10.63 14.71
CA SER B 94 -7.49 -10.86 13.86
C SER B 94 -7.12 -10.92 12.38
N GLU B 95 -8.02 -11.53 11.60
CA GLU B 95 -7.89 -11.48 10.15
C GLU B 95 -8.08 -10.05 9.65
N VAL B 96 -7.50 -9.78 8.47
CA VAL B 96 -7.52 -8.47 7.84
C VAL B 96 -7.99 -8.66 6.40
N GLN B 97 -8.26 -7.54 5.73
CA GLN B 97 -8.55 -7.59 4.30
C GLN B 97 -7.64 -6.66 3.53
N LEU B 98 -7.05 -7.19 2.48
CA LEU B 98 -6.39 -6.37 1.49
C LEU B 98 -7.47 -5.91 0.50
N LEU B 99 -7.63 -4.59 0.35
CA LEU B 99 -8.50 -4.05 -0.68
C LEU B 99 -7.58 -3.80 -1.87
N ALA B 100 -7.37 -4.87 -2.63
CA ALA B 100 -6.45 -4.83 -3.75
C ALA B 100 -7.07 -4.06 -4.91
N VAL B 101 -6.29 -3.17 -5.51
CA VAL B 101 -6.71 -2.47 -6.72
C VAL B 101 -5.69 -2.79 -7.80
N PRO B 102 -5.76 -3.96 -8.42
CA PRO B 102 -4.72 -4.37 -9.36
C PRO B 102 -4.85 -3.60 -10.65
N PRO B 103 -3.75 -3.39 -11.37
CA PRO B 103 -3.87 -2.75 -12.69
C PRO B 103 -4.88 -3.47 -13.58
N GLY B 104 -5.78 -2.69 -14.18
CA GLY B 104 -6.74 -3.23 -15.11
C GLY B 104 -7.90 -4.02 -14.51
N GLU B 105 -8.04 -4.04 -13.19
CA GLU B 105 -9.07 -4.82 -12.53
C GLU B 105 -9.75 -3.93 -11.50
N ARG B 106 -11.05 -4.21 -11.25
CA ARG B 106 -11.70 -3.38 -10.25
C ARG B 106 -11.27 -3.83 -8.85
N ALA B 107 -11.44 -2.91 -7.91
CA ALA B 107 -11.07 -3.19 -6.53
C ALA B 107 -11.74 -4.44 -6.02
N LYS B 108 -11.01 -5.21 -5.21
CA LYS B 108 -11.53 -6.45 -4.67
C LYS B 108 -10.92 -6.69 -3.29
N ASN B 109 -11.66 -7.36 -2.44
CA ASN B 109 -11.23 -7.65 -1.07
C ASN B 109 -10.78 -9.08 -0.96
N ILE B 110 -9.62 -9.28 -0.33
N ILE B 110 -9.65 -9.30 -0.30
CA ILE B 110 -9.08 -10.60 -0.02
CA ILE B 110 -9.14 -10.63 -0.04
C ILE B 110 -8.83 -10.62 1.49
C ILE B 110 -8.73 -10.70 1.43
N GLN B 111 -9.36 -11.63 2.15
CA GLN B 111 -9.20 -11.75 3.60
C GLN B 111 -8.08 -12.73 3.91
N THR B 112 -7.32 -12.45 4.96
CA THR B 112 -6.20 -13.31 5.32
C THR B 112 -5.89 -13.14 6.80
N LEU B 113 -5.23 -14.15 7.37
CA LEU B 113 -4.65 -14.00 8.70
C LEU B 113 -3.18 -13.65 8.55
N PRO B 114 -2.74 -12.48 8.97
CA PRO B 114 -1.34 -12.11 8.78
C PRO B 114 -0.40 -13.06 9.51
N GLY B 115 0.78 -13.22 8.93
CA GLY B 115 1.95 -13.65 9.63
C GLY B 115 2.68 -12.46 10.23
N ILE B 116 3.97 -12.66 10.49
CA ILE B 116 4.78 -11.71 11.24
C ILE B 116 6.14 -11.59 10.59
N PHE B 117 6.57 -10.36 10.34
CA PHE B 117 7.99 -10.05 10.14
C PHE B 117 8.56 -9.79 11.53
N LYS B 118 9.47 -10.65 12.00
CA LYS B 118 10.15 -10.44 13.28
C LYS B 118 11.46 -9.72 12.99
N THR B 119 11.59 -8.49 13.49
CA THR B 119 12.78 -7.70 13.27
C THR B 119 13.41 -7.33 14.61
N LYS B 120 14.63 -6.80 14.54
CA LYS B 120 15.31 -6.39 15.77
C LYS B 120 14.58 -5.28 16.49
N ASP B 121 13.71 -4.55 15.80
CA ASP B 121 12.96 -3.44 16.41
C ASP B 121 11.50 -3.80 16.66
N GLY B 122 11.17 -5.07 16.63
CA GLY B 122 9.82 -5.52 16.94
C GLY B 122 9.16 -6.23 15.77
N ASP B 123 7.96 -6.73 16.03
CA ASP B 123 7.22 -7.53 15.08
C ASP B 123 6.33 -6.62 14.25
N ILE B 124 6.18 -6.95 12.98
CA ILE B 124 5.30 -6.25 12.06
C ILE B 124 4.39 -7.30 11.41
N GLY B 125 3.09 -7.04 11.40
CA GLY B 125 2.22 -7.91 10.66
C GLY B 125 2.60 -7.96 9.20
N ALA B 126 2.35 -9.11 8.57
CA ALA B 126 2.74 -9.32 7.18
C ALA B 126 1.73 -10.23 6.51
N VAL B 127 1.39 -9.92 5.26
CA VAL B 127 0.39 -10.66 4.52
C VAL B 127 1.01 -11.43 3.36
N ALA B 128 0.71 -12.71 3.28
CA ALA B 128 1.22 -13.58 2.23
C ALA B 128 0.26 -13.55 1.06
N LEU B 129 0.25 -12.41 0.35
CA LEU B 129 -0.63 -12.14 -0.77
C LEU B 129 0.23 -11.53 -1.87
N ASP B 130 0.04 -11.98 -3.11
CA ASP B 130 0.93 -11.65 -4.23
C ASP B 130 0.11 -11.04 -5.36
N TYR B 131 0.33 -9.75 -5.62
CA TYR B 131 -0.35 -9.00 -6.66
C TYR B 131 0.67 -8.23 -7.46
N PRO B 132 0.31 -7.79 -8.67
CA PRO B 132 1.29 -7.09 -9.51
C PRO B 132 1.84 -5.83 -8.84
N ALA B 133 3.01 -5.42 -9.31
CA ALA B 133 3.72 -4.29 -8.71
C ALA B 133 2.85 -3.04 -8.61
N GLY B 134 2.04 -2.76 -9.61
CA GLY B 134 1.19 -1.58 -9.59
C GLY B 134 0.04 -1.63 -8.60
N THR B 135 -0.10 -2.73 -7.83
CA THR B 135 -1.02 -2.81 -6.72
C THR B 135 -0.44 -2.18 -5.44
N SER B 136 0.84 -1.86 -5.45
CA SER B 136 1.50 -1.24 -4.32
C SER B 136 0.76 -0.02 -3.85
N GLY B 137 0.55 0.08 -2.53
CA GLY B 137 -0.19 1.14 -1.91
C GLY B 137 -1.64 0.80 -1.62
N SER B 138 -2.09 -0.38 -2.03
CA SER B 138 -3.45 -0.79 -1.74
C SER B 138 -3.64 -0.90 -0.24
N PRO B 139 -4.78 -0.49 0.29
CA PRO B 139 -4.97 -0.48 1.73
C PRO B 139 -5.31 -1.85 2.28
N ILE B 140 -4.83 -2.09 3.49
CA ILE B 140 -5.15 -3.25 4.30
C ILE B 140 -6.04 -2.77 5.43
N LEU B 141 -7.14 -3.49 5.68
CA LEU B 141 -8.23 -3.04 6.51
C LEU B 141 -8.48 -3.95 7.69
N ASP B 142 -8.93 -3.36 8.78
CA ASP B 142 -9.50 -4.12 9.88
C ASP B 142 -11.01 -4.28 9.66
N LYS B 143 -11.67 -5.00 10.58
CA LYS B 143 -13.07 -5.36 10.35
C LYS B 143 -14.00 -4.15 10.41
N CYS B 144 -13.53 -3.02 10.95
CA CYS B 144 -14.28 -1.78 10.94
C CYS B 144 -14.02 -0.97 9.68
N GLY B 145 -13.23 -1.49 8.76
CA GLY B 145 -12.91 -0.75 7.56
C GLY B 145 -11.82 0.28 7.70
N ARG B 146 -11.16 0.35 8.85
CA ARG B 146 -10.08 1.31 9.02
C ARG B 146 -8.83 0.80 8.33
N VAL B 147 -8.02 1.73 7.82
CA VAL B 147 -6.80 1.36 7.12
C VAL B 147 -5.68 1.15 8.14
N ILE B 148 -5.26 -0.12 8.32
CA ILE B 148 -4.20 -0.46 9.25
C ILE B 148 -2.83 -0.49 8.59
N GLY B 149 -2.75 -0.26 7.28
CA GLY B 149 -1.48 -0.13 6.60
C GLY B 149 -1.68 -0.26 5.12
N LEU B 150 -0.57 -0.11 4.39
CA LEU B 150 -0.57 -0.22 2.94
C LEU B 150 0.28 -1.42 2.50
N TYR B 151 -0.16 -2.05 1.41
CA TYR B 151 0.47 -3.23 0.84
C TYR B 151 1.58 -2.91 -0.12
N GLY B 152 2.65 -3.67 -0.09
CA GLY B 152 3.60 -3.64 -1.18
C GLY B 152 5.07 -3.44 -0.88
N ASN B 153 5.46 -3.39 0.38
CA ASN B 153 6.88 -3.43 0.71
C ASN B 153 7.15 -4.72 1.46
N GLY B 154 7.96 -5.59 0.88
CA GLY B 154 8.10 -6.93 1.40
C GLY B 154 9.29 -7.68 0.91
N VAL B 155 9.17 -9.01 0.89
N VAL B 155 9.17 -9.01 0.83
CA VAL B 155 10.27 -9.93 0.64
CA VAL B 155 10.30 -9.88 0.55
C VAL B 155 9.72 -11.10 -0.16
C VAL B 155 9.76 -11.15 -0.08
N VAL B 156 10.62 -11.85 -0.80
CA VAL B 156 10.30 -13.18 -1.31
C VAL B 156 11.00 -14.23 -0.45
N ILE B 157 10.32 -15.35 -0.25
CA ILE B 157 10.90 -16.44 0.53
C ILE B 157 11.56 -17.44 -0.41
N LYS B 158 12.10 -18.51 0.14
CA LYS B 158 12.96 -19.40 -0.65
C LYS B 158 12.25 -19.93 -1.89
N ASN B 159 10.96 -20.24 -1.79
CA ASN B 159 10.24 -20.80 -2.93
C ASN B 159 9.74 -19.73 -3.90
N GLY B 160 10.08 -18.46 -3.66
CA GLY B 160 9.67 -17.38 -4.52
C GLY B 160 8.41 -16.66 -4.09
N SER B 161 7.67 -17.20 -3.12
CA SER B 161 6.42 -16.58 -2.70
C SER B 161 6.66 -15.21 -2.09
N TYR B 162 5.77 -14.26 -2.35
CA TYR B 162 5.91 -12.90 -1.88
C TYR B 162 5.12 -12.65 -0.59
N VAL B 163 5.72 -11.95 0.36
CA VAL B 163 5.06 -11.58 1.62
C VAL B 163 5.26 -10.08 1.83
N SER B 164 4.16 -9.35 2.06
CA SER B 164 4.20 -7.90 2.24
C SER B 164 4.08 -7.52 3.69
N ALA B 165 4.88 -6.58 4.17
CA ALA B 165 4.59 -5.97 5.44
C ALA B 165 3.22 -5.27 5.41
N ILE B 166 2.58 -5.18 6.57
CA ILE B 166 1.45 -4.24 6.76
C ILE B 166 2.11 -2.93 7.19
N THR B 167 2.36 -2.05 6.22
CA THR B 167 3.15 -0.85 6.50
C THR B 167 2.25 0.29 6.93
N GLN B 168 2.44 0.79 8.15
CA GLN B 168 1.66 1.89 8.69
C GLN B 168 2.60 3.01 9.11
N GLY B 169 2.17 4.26 8.87
CA GLY B 169 2.92 5.42 9.29
C GLY B 169 2.47 5.93 10.65
N LYS B 170 3.10 7.03 11.06
CA LYS B 170 2.76 7.67 12.33
C LYS B 170 1.98 8.94 12.06
N ARG B 171 0.90 9.14 12.81
CA ARG B 171 0.05 10.32 12.61
C ARG B 171 0.55 11.52 13.40
N GLY C 2 5.97 -9.78 -9.08
CA GLY C 2 6.12 -9.36 -10.46
C GLY C 2 7.53 -8.96 -10.83
N VAL C 4 11.19 -8.42 -6.80
CA VAL C 4 11.35 -9.22 -5.60
C VAL C 4 11.04 -8.54 -4.27
N LYS C 5 10.68 -7.25 -4.30
CA LYS C 5 10.37 -6.55 -3.05
C LYS C 5 9.14 -5.65 -3.08
N LYS C 6 8.90 -4.99 -4.22
CA LYS C 6 7.95 -3.89 -4.24
C LYS C 6 6.64 -4.19 -5.01
#